data_3LPA
#
_entry.id   3LPA
#
_cell.length_a   43.059
_cell.length_b   45.980
_cell.length_c   47.243
_cell.angle_alpha   97.79
_cell.angle_beta   115.24
_cell.angle_gamma   113.86
#
_symmetry.space_group_name_H-M   'P 1'
#
loop_
_entity.id
_entity.type
_entity.pdbx_description
1 polymer 'Acidic extracellular subtilisin-like protease AprV2'
2 non-polymer 'CALCIUM ION'
3 water water
#
_entity_poly.entity_id   1
_entity_poly.type   'polypeptide(L)'
_entity_poly.pdbx_seq_one_letter_code
;APNDQHYREQWHYFDRYGVKADKVWDMGFTGQNVVVAVVDTGILHHRDLNANVLPGYDFISNSQISLDGDGRDADPFDEG
DWFDNWACGGYPDPRKERSDSSWHGSHVAGTIAAVTNNRIGVAGVAYGAKVVPVRALGRCGGYDSDISDGLYWAAGGRIA
GIPENRNPAKVINMSLGSDGQCSYNAQTMIDRATRLGALVVVAAGNENQNASNTWPTSCNNVLSVGATTSRGIRASFSNY
GVDVDLAAPGQDILSTVDSGTRRPVSDAYSFMAGTSMATPHVSGVAALVISAANSVNKNLTPAELKDVLVSTTSPFNGRL
DRALGSGIVDAEAAVNSVLG
;
_entity_poly.pdbx_strand_id   A
#
loop_
_chem_comp.id
_chem_comp.type
_chem_comp.name
_chem_comp.formula
CA non-polymer 'CALCIUM ION' 'Ca 2'
#
# COMPACT_ATOMS: atom_id res chain seq x y z
N ALA A 1 -8.69 15.79 14.57
CA ALA A 1 -7.74 15.84 15.72
C ALA A 1 -6.28 16.14 15.32
N PRO A 2 -5.74 15.47 14.26
CA PRO A 2 -4.32 15.71 13.93
C PRO A 2 -4.03 17.19 13.66
N ASN A 3 -2.85 17.66 14.08
CA ASN A 3 -2.48 19.07 13.89
C ASN A 3 -1.86 19.41 12.54
N ASP A 4 -1.70 18.40 11.67
CA ASP A 4 -0.93 18.58 10.44
C ASP A 4 -1.56 19.60 9.46
N GLN A 5 -0.69 20.43 8.87
CA GLN A 5 -1.09 21.54 8.01
C GLN A 5 -2.15 21.16 6.94
N HIS A 6 -1.96 20.04 6.25
CA HIS A 6 -2.84 19.70 5.14
C HIS A 6 -3.75 18.52 5.39
N TYR A 7 -3.89 18.14 6.67
CA TYR A 7 -4.89 17.11 7.05
C TYR A 7 -6.29 17.40 6.48
N ARG A 8 -6.68 18.67 6.48
CA ARG A 8 -8.02 19.07 6.03
C ARG A 8 -8.31 18.60 4.60
N GLU A 9 -7.27 18.50 3.78
CA GLU A 9 -7.43 18.06 2.39
C GLU A 9 -7.59 16.55 2.20
N GLN A 10 -7.20 15.77 3.20
CA GLN A 10 -7.33 14.32 3.17
C GLN A 10 -8.76 13.83 3.47
N TRP A 11 -9.73 14.27 2.65
CA TRP A 11 -11.17 13.91 2.77
C TRP A 11 -11.36 12.41 2.98
N HIS A 12 -10.45 11.65 2.39
CA HIS A 12 -10.45 10.20 2.38
C HIS A 12 -10.21 9.55 3.74
N TYR A 13 -9.70 10.33 4.71
CA TYR A 13 -9.63 9.89 6.10
C TYR A 13 -10.95 10.11 6.91
N PHE A 14 -11.76 11.08 6.50
CA PHE A 14 -12.78 11.58 7.43
C PHE A 14 -14.14 11.93 6.83
N ASP A 15 -14.20 12.19 5.53
CA ASP A 15 -15.44 12.60 4.86
C ASP A 15 -16.43 11.45 4.62
N ARG A 16 -17.61 11.79 4.10
CA ARG A 16 -18.71 10.85 3.87
C ARG A 16 -18.29 9.45 3.34
N TYR A 17 -17.51 9.44 2.26
CA TYR A 17 -17.04 8.17 1.69
C TYR A 17 -15.55 7.91 1.99
N GLY A 18 -15.10 8.42 3.13
CA GLY A 18 -13.76 8.19 3.63
C GLY A 18 -13.72 6.91 4.45
N VAL A 19 -12.57 6.63 5.07
CA VAL A 19 -12.36 5.41 5.83
C VAL A 19 -12.63 5.55 7.34
N LYS A 20 -13.07 6.74 7.76
CA LYS A 20 -13.45 7.00 9.15
C LYS A 20 -12.28 6.74 10.10
N ALA A 21 -11.07 7.11 9.67
CA ALA A 21 -9.89 6.92 10.51
C ALA A 21 -9.95 7.88 11.71
N ASP A 22 -10.56 9.04 11.50
CA ASP A 22 -10.78 10.02 12.60
C ASP A 22 -11.55 9.44 13.80
N LYS A 23 -12.55 8.59 13.54
CA LYS A 23 -13.42 8.06 14.59
C LYS A 23 -12.68 7.02 15.42
N VAL A 24 -11.66 6.41 14.83
CA VAL A 24 -10.82 5.44 15.53
C VAL A 24 -9.71 6.11 16.36
N TRP A 25 -9.06 7.13 15.81
CA TRP A 25 -8.09 7.94 16.56
C TRP A 25 -8.74 8.55 17.82
N ASP A 26 -10.00 9.00 17.70
CA ASP A 26 -10.88 9.38 18.85
C ASP A 26 -10.96 8.33 19.97
N MET A 27 -10.72 7.05 19.62
CA MET A 27 -10.74 5.95 20.59
C MET A 27 -9.34 5.63 21.15
N GLY A 28 -8.33 6.33 20.65
CA GLY A 28 -6.95 6.15 21.09
C GLY A 28 -6.24 5.03 20.37
N PHE A 29 -6.78 4.59 19.23
CA PHE A 29 -6.10 3.57 18.41
C PHE A 29 -5.49 4.17 17.14
N THR A 30 -4.20 3.94 16.94
CA THR A 30 -3.48 4.54 15.81
C THR A 30 -2.61 3.52 15.10
N GLY A 31 -2.71 2.26 15.50
CA GLY A 31 -1.88 1.21 14.94
C GLY A 31 -0.56 1.07 15.67
N GLN A 32 -0.49 1.57 16.90
CA GLN A 32 0.71 1.46 17.77
C GLN A 32 1.25 0.03 17.82
N ASN A 33 2.58 -0.08 17.81
CA ASN A 33 3.32 -1.36 17.73
C ASN A 33 2.86 -2.34 16.63
N VAL A 34 2.26 -1.80 15.56
CA VAL A 34 2.02 -2.56 14.32
C VAL A 34 3.06 -2.14 13.28
N VAL A 35 3.51 -3.12 12.48
CA VAL A 35 4.51 -2.91 11.44
C VAL A 35 3.87 -3.30 10.11
N VAL A 36 3.87 -2.37 9.14
CA VAL A 36 3.34 -2.64 7.81
C VAL A 36 4.50 -2.60 6.81
N ALA A 37 4.68 -3.66 6.04
CA ALA A 37 5.66 -3.62 4.95
C ALA A 37 5.07 -3.05 3.66
N VAL A 38 5.85 -2.26 2.96
CA VAL A 38 5.41 -1.69 1.70
C VAL A 38 6.33 -2.23 0.61
N VAL A 39 5.80 -3.11 -0.23
CA VAL A 39 6.58 -3.72 -1.30
C VAL A 39 6.34 -2.80 -2.52
N ASP A 40 7.32 -1.97 -2.84
CA ASP A 40 7.03 -0.85 -3.74
C ASP A 40 8.32 -0.29 -4.34
N THR A 41 8.33 1.01 -4.68
CA THR A 41 9.53 1.62 -5.32
C THR A 41 10.63 2.06 -4.36
N GLY A 42 10.43 1.83 -3.06
CA GLY A 42 11.40 2.25 -2.06
C GLY A 42 10.87 3.42 -1.27
N ILE A 43 11.75 4.10 -0.53
CA ILE A 43 11.38 5.14 0.42
C ILE A 43 12.20 6.40 0.22
N LEU A 44 11.54 7.55 0.32
CA LEU A 44 12.26 8.85 0.31
C LEU A 44 12.76 9.17 1.70
N HIS A 45 13.80 10.01 1.81
CA HIS A 45 14.21 10.56 3.11
C HIS A 45 13.43 11.84 3.36
N HIS A 46 12.18 11.69 3.77
CA HIS A 46 11.19 12.77 3.75
C HIS A 46 10.91 13.18 5.18
N ARG A 47 11.03 14.47 5.49
CA ARG A 47 10.76 14.94 6.84
C ARG A 47 9.42 14.45 7.40
N ASP A 48 8.45 14.14 6.53
CA ASP A 48 7.13 13.70 7.01
C ASP A 48 6.95 12.17 6.93
N LEU A 49 8.06 11.45 6.73
CA LEU A 49 8.12 9.97 6.79
C LEU A 49 9.19 9.45 7.76
N ASN A 50 10.36 10.10 7.78
CA ASN A 50 11.53 9.54 8.50
C ASN A 50 11.23 8.87 9.85
N ALA A 51 10.58 9.61 10.75
CA ALA A 51 10.26 9.08 12.08
C ALA A 51 9.54 7.73 12.11
N ASN A 52 8.70 7.48 11.11
CA ASN A 52 7.88 6.26 11.03
C ASN A 52 8.40 5.16 10.07
N VAL A 53 9.62 5.32 9.59
CA VAL A 53 10.26 4.35 8.71
C VAL A 53 11.34 3.57 9.47
N LEU A 54 11.26 2.25 9.36
CA LEU A 54 12.17 1.28 9.96
C LEU A 54 13.11 0.75 8.89
N PRO A 55 14.23 0.11 9.29
CA PRO A 55 15.11 -0.56 8.33
C PRO A 55 14.36 -1.50 7.40
N GLY A 56 14.63 -1.36 6.10
CA GLY A 56 13.98 -2.19 5.09
C GLY A 56 15.03 -2.95 4.33
N TYR A 57 14.78 -3.18 3.05
CA TYR A 57 15.76 -3.85 2.20
C TYR A 57 15.44 -3.62 0.73
N ASP A 58 16.46 -3.69 -0.11
CA ASP A 58 16.30 -3.43 -1.53
C ASP A 58 16.41 -4.74 -2.27
N PHE A 59 15.29 -5.22 -2.78
CA PHE A 59 15.27 -6.53 -3.45
C PHE A 59 15.51 -6.48 -4.94
N ILE A 60 15.72 -5.29 -5.50
CA ILE A 60 15.86 -5.18 -6.96
C ILE A 60 17.19 -5.80 -7.36
N SER A 61 17.15 -6.77 -8.27
CA SER A 61 18.37 -7.52 -8.64
C SER A 61 19.10 -6.96 -9.85
N ASN A 62 18.34 -6.47 -10.84
CA ASN A 62 18.89 -5.77 -12.03
C ASN A 62 19.29 -4.31 -11.73
N SER A 63 20.56 -3.98 -11.92
CA SER A 63 21.06 -2.64 -11.56
C SER A 63 20.57 -1.58 -12.55
N GLN A 64 20.11 -2.03 -13.71
CA GLN A 64 19.52 -1.12 -14.69
C GLN A 64 18.05 -0.78 -14.32
N ILE A 65 17.50 -1.50 -13.35
CA ILE A 65 16.17 -1.15 -12.78
C ILE A 65 16.35 -0.32 -11.50
N SER A 66 17.27 -0.78 -10.64
CA SER A 66 17.47 -0.17 -9.33
C SER A 66 18.07 1.24 -9.39
N LEU A 67 18.92 1.48 -10.38
CA LEU A 67 19.62 2.76 -10.57
C LEU A 67 20.44 3.18 -9.36
N ASP A 68 20.91 2.20 -8.60
CA ASP A 68 21.79 2.45 -7.44
C ASP A 68 23.17 1.81 -7.60
N GLY A 69 23.45 1.18 -8.74
CA GLY A 69 24.78 0.61 -9.05
C GLY A 69 25.05 -0.86 -8.73
N ASP A 70 24.09 -1.52 -8.07
CA ASP A 70 24.23 -2.93 -7.71
C ASP A 70 22.85 -3.64 -7.58
N GLY A 71 22.86 -4.95 -7.36
CA GLY A 71 21.64 -5.72 -7.12
C GLY A 71 21.17 -5.55 -5.68
N ARG A 72 20.82 -6.65 -5.03
CA ARG A 72 20.26 -6.57 -3.69
C ARG A 72 21.21 -5.93 -2.68
N ASP A 73 20.68 -4.98 -1.92
CA ASP A 73 21.49 -4.24 -0.95
C ASP A 73 20.59 -3.84 0.21
N ALA A 74 21.20 -3.33 1.29
CA ALA A 74 20.44 -3.04 2.51
C ALA A 74 19.74 -1.69 2.50
N ASP A 75 19.91 -0.91 1.44
CA ASP A 75 19.32 0.44 1.45
C ASP A 75 18.16 0.56 0.47
N PRO A 76 16.91 0.65 1.01
CA PRO A 76 15.71 0.67 0.17
C PRO A 76 15.33 2.08 -0.32
N PHE A 77 16.32 2.94 -0.47
CA PHE A 77 16.11 4.31 -0.94
C PHE A 77 15.52 4.31 -2.34
N ASP A 78 14.47 5.11 -2.53
CA ASP A 78 13.91 5.29 -3.86
C ASP A 78 14.78 6.23 -4.65
N GLU A 79 15.61 5.67 -5.53
CA GLU A 79 16.48 6.48 -6.41
C GLU A 79 15.68 7.31 -7.42
N GLY A 80 14.46 6.88 -7.73
CA GLY A 80 13.65 7.55 -8.73
C GLY A 80 13.61 6.63 -9.93
N ASP A 81 12.39 6.27 -10.31
CA ASP A 81 12.18 5.37 -11.43
C ASP A 81 11.92 6.11 -12.77
N TRP A 82 12.28 7.39 -12.84
CA TRP A 82 12.15 8.13 -14.11
C TRP A 82 12.81 7.39 -15.29
N PHE A 83 12.43 7.74 -16.51
CA PHE A 83 13.07 7.21 -17.70
C PHE A 83 12.69 8.13 -18.84
N ASP A 84 13.51 8.10 -19.87
CA ASP A 84 13.14 8.77 -21.10
C ASP A 84 13.54 7.89 -22.28
N ASN A 85 13.42 8.43 -23.49
CA ASN A 85 13.88 7.76 -24.72
C ASN A 85 13.30 6.37 -24.93
N TRP A 86 12.06 6.17 -24.48
CA TRP A 86 11.38 4.85 -24.52
C TRP A 86 12.20 3.72 -23.87
N ALA A 87 12.73 3.98 -22.68
CA ALA A 87 13.59 3.00 -22.04
C ALA A 87 12.82 1.77 -21.54
N CYS A 88 11.48 1.88 -21.46
CA CYS A 88 10.64 0.81 -20.92
C CYS A 88 9.69 -0.09 -21.76
N GLY A 89 9.71 -0.19 -23.10
CA GLY A 89 10.11 0.78 -24.09
C GLY A 89 8.81 1.15 -24.79
N GLY A 90 8.36 0.34 -25.75
CA GLY A 90 7.11 0.62 -26.49
C GLY A 90 7.19 1.69 -27.59
N TYR A 91 8.41 1.95 -28.10
CA TYR A 91 8.64 2.89 -29.18
C TYR A 91 7.85 2.44 -30.40
N PRO A 92 7.18 3.37 -31.11
CA PRO A 92 7.24 4.84 -30.97
C PRO A 92 6.04 5.51 -30.29
N ASP A 93 5.31 4.80 -29.44
CA ASP A 93 4.11 5.37 -28.77
C ASP A 93 4.51 6.56 -27.91
N PRO A 94 4.04 7.78 -28.26
CA PRO A 94 4.49 8.98 -27.52
C PRO A 94 4.14 8.94 -26.03
N ARG A 95 3.12 8.17 -25.67
CA ARG A 95 2.71 8.07 -24.28
C ARG A 95 3.60 7.12 -23.46
N LYS A 96 4.51 6.43 -24.15
CA LYS A 96 5.45 5.53 -23.47
C LYS A 96 6.89 6.07 -23.56
N GLU A 97 7.04 7.26 -24.14
CA GLU A 97 8.35 7.85 -24.34
C GLU A 97 9.12 8.06 -23.04
N ARG A 98 8.44 8.62 -22.05
CA ARG A 98 9.14 9.14 -20.87
C ARG A 98 8.18 9.28 -19.71
N SER A 99 8.74 9.23 -18.50
CA SER A 99 7.97 9.49 -17.31
C SER A 99 8.89 10.05 -16.25
N ASP A 100 8.36 10.97 -15.46
CA ASP A 100 9.07 11.50 -14.33
C ASP A 100 9.03 10.47 -13.20
N SER A 101 9.93 10.60 -12.24
CA SER A 101 9.95 9.66 -11.12
C SER A 101 8.60 9.71 -10.39
N SER A 102 8.11 8.55 -9.98
CA SER A 102 6.77 8.44 -9.41
C SER A 102 6.75 8.72 -7.90
N TRP A 103 7.85 8.44 -7.21
CA TRP A 103 7.84 8.40 -5.73
C TRP A 103 6.64 7.60 -5.16
N HIS A 104 6.20 6.61 -5.95
CA HIS A 104 5.03 5.79 -5.67
C HIS A 104 5.09 5.14 -4.27
N GLY A 105 6.23 4.53 -3.96
CA GLY A 105 6.40 3.85 -2.66
C GLY A 105 6.21 4.75 -1.45
N SER A 106 6.63 6.01 -1.58
CA SER A 106 6.48 7.00 -0.51
C SER A 106 5.06 7.56 -0.41
N HIS A 107 4.37 7.65 -1.55
CA HIS A 107 3.02 8.19 -1.52
C HIS A 107 2.18 7.16 -0.75
N VAL A 108 2.34 5.90 -1.14
CA VAL A 108 1.73 4.75 -0.50
C VAL A 108 2.09 4.64 0.99
N ALA A 109 3.37 4.77 1.32
CA ALA A 109 3.84 4.73 2.71
C ALA A 109 3.22 5.84 3.57
N GLY A 110 3.10 7.04 3.01
CA GLY A 110 2.49 8.17 3.76
C GLY A 110 1.04 7.94 4.09
N THR A 111 0.32 7.29 3.19
CA THR A 111 -1.06 6.97 3.48
C THR A 111 -1.17 6.05 4.71
N ILE A 112 -0.25 5.10 4.80
CA ILE A 112 -0.25 4.15 5.91
C ILE A 112 0.20 4.87 7.21
N ALA A 113 1.32 5.56 7.14
CA ALA A 113 1.92 6.07 8.38
C ALA A 113 2.78 7.31 8.21
N ALA A 114 2.30 8.29 7.45
CA ALA A 114 2.98 9.59 7.40
C ALA A 114 3.03 10.06 8.84
N VAL A 115 4.16 10.66 9.20
CA VAL A 115 4.33 11.28 10.52
C VAL A 115 3.20 12.29 10.79
N THR A 116 2.47 12.05 11.88
CA THR A 116 1.28 12.80 12.23
C THR A 116 1.48 13.57 13.53
N ASN A 117 0.80 14.72 13.64
CA ASN A 117 0.91 15.59 14.80
C ASN A 117 2.27 16.27 14.95
N ASN A 118 3.04 16.31 13.86
CA ASN A 118 4.29 17.07 13.78
C ASN A 118 4.11 18.37 13.00
N ARG A 119 2.87 18.86 12.89
CA ARG A 119 2.53 20.14 12.21
C ARG A 119 2.74 20.22 10.67
N ILE A 120 3.84 19.69 10.17
CA ILE A 120 4.13 19.80 8.76
C ILE A 120 3.29 18.79 7.97
N GLY A 121 2.92 19.16 6.76
CA GLY A 121 2.47 18.17 5.78
C GLY A 121 1.14 17.50 6.11
N VAL A 122 1.14 16.17 6.11
CA VAL A 122 -0.08 15.35 6.14
C VAL A 122 -0.12 14.37 7.32
N ALA A 123 -1.19 13.59 7.38
CA ALA A 123 -1.34 12.51 8.36
C ALA A 123 -1.37 11.14 7.67
N GLY A 124 -1.19 10.08 8.46
CA GLY A 124 -1.34 8.71 7.96
C GLY A 124 -2.52 8.00 8.61
N VAL A 125 -3.06 6.99 7.93
CA VAL A 125 -4.18 6.19 8.48
C VAL A 125 -3.82 5.57 9.83
N ALA A 126 -2.67 4.89 9.87
CA ALA A 126 -2.16 4.29 11.12
C ALA A 126 -0.87 4.97 11.57
N TYR A 127 -0.98 6.18 12.07
CA TYR A 127 0.21 6.98 12.28
C TYR A 127 1.04 6.57 13.52
N GLY A 128 0.49 5.63 14.29
CA GLY A 128 1.21 5.03 15.43
C GLY A 128 2.01 3.82 14.99
N ALA A 129 1.74 3.35 13.76
CA ALA A 129 2.41 2.21 13.15
C ALA A 129 3.74 2.62 12.52
N LYS A 130 4.47 1.62 12.04
CA LYS A 130 5.74 1.86 11.37
C LYS A 130 5.81 1.08 10.06
N VAL A 131 6.61 1.61 9.14
CA VAL A 131 6.72 1.10 7.81
C VAL A 131 8.12 0.55 7.54
N VAL A 132 8.14 -0.66 7.02
CA VAL A 132 9.35 -1.30 6.52
C VAL A 132 9.27 -1.22 4.98
N PRO A 133 10.14 -0.41 4.39
CA PRO A 133 10.15 -0.33 2.93
C PRO A 133 10.86 -1.54 2.32
N VAL A 134 10.12 -2.28 1.52
CA VAL A 134 10.71 -3.37 0.77
C VAL A 134 10.80 -2.92 -0.69
N ARG A 135 11.99 -2.48 -1.10
CA ARG A 135 12.14 -1.96 -2.46
C ARG A 135 12.25 -3.09 -3.48
N ALA A 136 11.22 -3.22 -4.31
CA ALA A 136 11.17 -4.21 -5.38
C ALA A 136 10.93 -3.60 -6.76
N LEU A 137 10.62 -2.31 -6.81
CA LEU A 137 10.28 -1.64 -8.08
C LEU A 137 11.20 -0.46 -8.33
N GLY A 138 11.71 -0.37 -9.55
CA GLY A 138 12.55 0.74 -10.00
C GLY A 138 12.17 1.18 -11.39
N ARG A 139 13.16 1.49 -12.21
CA ARG A 139 12.87 1.92 -13.60
C ARG A 139 12.28 0.77 -14.44
N CYS A 140 11.06 0.99 -14.94
CA CYS A 140 10.26 0.00 -15.68
C CYS A 140 9.56 -1.05 -14.81
N GLY A 141 9.43 -0.80 -13.51
CA GLY A 141 8.76 -1.74 -12.64
C GLY A 141 9.74 -2.67 -11.94
N GLY A 142 9.37 -3.94 -11.84
CA GLY A 142 10.18 -4.94 -11.12
C GLY A 142 10.00 -6.36 -11.59
N TYR A 143 10.84 -7.28 -11.11
CA TYR A 143 10.69 -8.70 -11.41
C TYR A 143 9.78 -9.36 -10.38
N ASP A 144 8.93 -10.27 -10.86
CA ASP A 144 8.06 -11.10 -10.03
C ASP A 144 8.84 -11.73 -8.87
N SER A 145 10.00 -12.30 -9.17
CA SER A 145 10.81 -13.01 -8.17
C SER A 145 11.43 -12.07 -7.13
N ASP A 146 11.69 -10.82 -7.49
CA ASP A 146 12.11 -9.80 -6.53
C ASP A 146 10.94 -9.43 -5.63
N ILE A 147 9.75 -9.32 -6.23
CA ILE A 147 8.54 -9.00 -5.50
C ILE A 147 8.18 -10.09 -4.49
N SER A 148 8.25 -11.35 -4.94
CA SER A 148 7.93 -12.53 -4.11
C SER A 148 8.94 -12.80 -2.98
N ASP A 149 10.24 -12.72 -3.26
CA ASP A 149 11.27 -12.75 -2.21
C ASP A 149 11.01 -11.64 -1.20
N GLY A 150 10.78 -10.41 -1.69
CA GLY A 150 10.56 -9.25 -0.86
C GLY A 150 9.38 -9.39 0.09
N LEU A 151 8.28 -9.93 -0.41
CA LEU A 151 7.08 -10.10 0.41
C LEU A 151 7.29 -11.21 1.47
N TYR A 152 8.05 -12.26 1.13
CA TYR A 152 8.35 -13.33 2.07
C TYR A 152 9.27 -12.82 3.22
N TRP A 153 10.32 -12.13 2.83
CA TRP A 153 11.19 -11.48 3.77
C TRP A 153 10.42 -10.48 4.68
N ALA A 154 9.47 -9.73 4.09
CA ALA A 154 8.64 -8.76 4.82
C ALA A 154 7.90 -9.38 6.00
N ALA A 155 7.48 -10.63 5.81
CA ALA A 155 6.75 -11.43 6.81
C ALA A 155 7.64 -12.07 7.88
N GLY A 156 8.94 -12.05 7.65
CA GLY A 156 9.89 -12.70 8.53
C GLY A 156 10.58 -13.94 7.93
N GLY A 157 10.32 -14.22 6.65
CA GLY A 157 10.98 -15.35 5.99
C GLY A 157 12.44 -15.05 5.77
N ARG A 158 13.29 -16.05 5.98
CA ARG A 158 14.72 -15.93 5.79
C ARG A 158 15.05 -16.21 4.33
N ILE A 159 15.87 -15.36 3.74
CA ILE A 159 16.43 -15.64 2.40
C ILE A 159 17.96 -15.65 2.47
N ALA A 160 18.57 -16.67 1.84
CA ALA A 160 20.04 -16.77 1.75
C ALA A 160 20.64 -15.48 1.24
N GLY A 161 21.66 -15.01 1.95
CA GLY A 161 22.36 -13.76 1.61
C GLY A 161 21.73 -12.46 2.13
N ILE A 162 20.56 -12.55 2.77
CA ILE A 162 19.88 -11.35 3.28
C ILE A 162 19.73 -11.45 4.80
N PRO A 163 20.24 -10.43 5.53
CA PRO A 163 20.21 -10.49 6.99
C PRO A 163 18.78 -10.57 7.48
N GLU A 164 18.53 -11.39 8.49
CA GLU A 164 17.15 -11.66 8.97
C GLU A 164 16.42 -10.35 9.24
N ASN A 165 15.15 -10.28 8.88
CA ASN A 165 14.33 -9.10 9.13
C ASN A 165 14.10 -8.93 10.65
N ARG A 166 14.62 -7.85 11.22
CA ARG A 166 14.41 -7.56 12.65
C ARG A 166 13.01 -7.03 12.88
N ASN A 167 12.32 -6.67 11.79
CA ASN A 167 11.02 -5.99 11.86
C ASN A 167 9.94 -6.61 10.98
N PRO A 168 9.61 -7.88 11.24
CA PRO A 168 8.61 -8.57 10.44
C PRO A 168 7.25 -7.89 10.55
N ALA A 169 6.53 -7.89 9.43
CA ALA A 169 5.29 -7.15 9.31
C ALA A 169 4.09 -8.03 9.51
N LYS A 170 3.13 -7.49 10.23
CA LYS A 170 1.80 -8.06 10.31
C LYS A 170 0.95 -7.82 9.05
N VAL A 171 1.25 -6.76 8.31
CA VAL A 171 0.45 -6.37 7.14
C VAL A 171 1.43 -6.06 6.01
N ILE A 172 1.21 -6.64 4.83
CA ILE A 172 2.13 -6.39 3.71
C ILE A 172 1.34 -5.74 2.60
N ASN A 173 1.70 -4.51 2.28
CA ASN A 173 0.98 -3.73 1.29
C ASN A 173 1.64 -3.89 -0.06
N MET A 174 0.87 -4.38 -1.05
CA MET A 174 1.38 -4.50 -2.39
C MET A 174 0.57 -3.69 -3.40
N SER A 175 0.96 -2.44 -3.52
CA SER A 175 0.36 -1.53 -4.50
C SER A 175 1.03 -1.70 -5.86
N LEU A 176 0.73 -2.83 -6.49
CA LEU A 176 1.46 -3.29 -7.65
C LEU A 176 0.75 -4.48 -8.30
N GLY A 177 1.24 -4.87 -9.47
CA GLY A 177 0.66 -5.99 -10.20
C GLY A 177 0.72 -5.81 -11.70
N SER A 178 0.25 -6.81 -12.42
CA SER A 178 0.28 -6.81 -13.88
C SER A 178 -0.69 -7.85 -14.41
N ASP A 179 -0.71 -7.99 -15.74
CA ASP A 179 -1.59 -8.95 -16.42
C ASP A 179 -1.04 -10.37 -16.26
N GLY A 180 -1.95 -11.33 -16.11
CA GLY A 180 -1.58 -12.76 -16.07
C GLY A 180 -2.01 -13.46 -14.79
N GLN A 181 -2.05 -14.81 -14.80
CA GLN A 181 -2.43 -15.54 -13.60
C GLN A 181 -1.30 -15.50 -12.59
N CYS A 182 -1.65 -15.55 -11.31
CA CYS A 182 -0.69 -15.68 -10.21
C CYS A 182 0.28 -16.81 -10.53
N SER A 183 1.58 -16.56 -10.37
CA SER A 183 2.60 -17.57 -10.69
C SER A 183 2.65 -18.55 -9.55
N TYR A 184 3.16 -19.76 -9.84
CA TYR A 184 3.40 -20.76 -8.78
C TYR A 184 4.25 -20.16 -7.68
N ASN A 185 5.36 -19.54 -8.08
CA ASN A 185 6.28 -19.00 -7.12
C ASN A 185 5.68 -17.90 -6.24
N ALA A 186 4.97 -16.95 -6.86
CA ALA A 186 4.31 -15.88 -6.10
C ALA A 186 3.26 -16.41 -5.12
N GLN A 187 2.43 -17.34 -5.57
CA GLN A 187 1.45 -17.97 -4.68
C GLN A 187 2.11 -18.62 -3.47
N THR A 188 3.21 -19.32 -3.74
CA THR A 188 3.95 -20.04 -2.71
C THR A 188 4.45 -19.06 -1.65
N MET A 189 5.02 -17.95 -2.09
CA MET A 189 5.57 -16.95 -1.17
C MET A 189 4.47 -16.25 -0.39
N ILE A 190 3.36 -15.93 -1.07
CA ILE A 190 2.18 -15.38 -0.37
C ILE A 190 1.68 -16.35 0.72
N ASP A 191 1.60 -17.64 0.40
CA ASP A 191 1.14 -18.66 1.35
C ASP A 191 2.05 -18.80 2.55
N ARG A 192 3.36 -18.78 2.29
CA ARG A 192 4.37 -18.78 3.36
C ARG A 192 4.31 -17.50 4.22
N ALA A 193 4.08 -16.34 3.61
CA ALA A 193 3.91 -15.08 4.36
C ALA A 193 2.65 -15.15 5.23
N THR A 194 1.59 -15.72 4.67
CA THR A 194 0.30 -15.84 5.37
C THR A 194 0.44 -16.82 6.55
N ARG A 195 1.16 -17.91 6.34
CA ARG A 195 1.42 -18.89 7.41
C ARG A 195 2.31 -18.30 8.51
N LEU A 196 3.19 -17.36 8.16
CA LEU A 196 3.94 -16.59 9.16
C LEU A 196 3.04 -15.63 9.98
N GLY A 197 1.81 -15.40 9.51
CA GLY A 197 0.84 -14.51 10.18
C GLY A 197 0.57 -13.15 9.50
N ALA A 198 1.16 -12.94 8.33
CA ALA A 198 0.99 -11.65 7.63
C ALA A 198 -0.24 -11.62 6.72
N LEU A 199 -0.98 -10.51 6.79
CA LEU A 199 -2.08 -10.28 5.83
C LEU A 199 -1.49 -9.56 4.64
N VAL A 200 -1.72 -10.11 3.46
CA VAL A 200 -1.18 -9.55 2.23
C VAL A 200 -2.29 -8.79 1.54
N VAL A 201 -2.11 -7.47 1.47
CA VAL A 201 -3.12 -6.55 0.95
C VAL A 201 -2.65 -5.98 -0.40
N VAL A 202 -3.48 -6.15 -1.44
CA VAL A 202 -3.01 -5.89 -2.79
C VAL A 202 -3.97 -5.04 -3.59
N ALA A 203 -3.43 -4.40 -4.63
CA ALA A 203 -4.23 -3.55 -5.52
C ALA A 203 -4.92 -4.36 -6.61
N ALA A 204 -6.17 -4.01 -6.92
CA ALA A 204 -6.92 -4.67 -7.99
C ALA A 204 -6.32 -4.34 -9.34
N GLY A 205 -5.66 -3.20 -9.47
CA GLY A 205 -5.14 -2.76 -10.77
C GLY A 205 -6.00 -1.68 -11.40
N ASN A 206 -5.55 -1.15 -12.54
CA ASN A 206 -6.03 0.16 -13.05
C ASN A 206 -6.28 0.20 -14.56
N GLU A 207 -6.81 -0.90 -15.09
CA GLU A 207 -6.96 -1.03 -16.53
C GLU A 207 -8.43 -1.12 -16.94
N ASN A 208 -9.33 -0.76 -16.03
CA ASN A 208 -10.76 -0.89 -16.24
C ASN A 208 -11.07 -2.26 -16.83
N GLN A 209 -10.53 -3.29 -16.20
CA GLN A 209 -10.68 -4.67 -16.65
C GLN A 209 -11.01 -5.58 -15.46
N ASN A 210 -11.47 -6.79 -15.75
CA ASN A 210 -11.76 -7.73 -14.69
C ASN A 210 -10.47 -8.04 -13.97
N ALA A 211 -10.44 -7.73 -12.67
CA ALA A 211 -9.24 -7.93 -11.84
C ALA A 211 -8.79 -9.40 -11.77
N SER A 212 -9.72 -10.33 -12.03
CA SER A 212 -9.39 -11.77 -12.09
C SER A 212 -8.31 -12.10 -13.14
N ASN A 213 -8.24 -11.26 -14.19
CA ASN A 213 -7.23 -11.38 -15.25
C ASN A 213 -5.84 -10.87 -14.84
N THR A 214 -5.65 -10.54 -13.56
CA THR A 214 -4.39 -9.95 -13.11
C THR A 214 -3.84 -10.61 -11.82
N TRP A 215 -2.55 -10.43 -11.57
CA TRP A 215 -1.97 -10.83 -10.30
C TRP A 215 -1.56 -9.53 -9.58
N PRO A 216 -1.59 -9.49 -8.23
CA PRO A 216 -1.82 -10.55 -7.24
C PRO A 216 -3.28 -10.88 -6.92
N THR A 217 -4.25 -10.19 -7.54
CA THR A 217 -5.66 -10.37 -7.20
C THR A 217 -6.13 -11.83 -7.38
N SER A 218 -5.71 -12.45 -8.48
CA SER A 218 -6.03 -13.84 -8.80
C SER A 218 -5.33 -14.86 -7.90
N CYS A 219 -4.43 -14.39 -7.02
CA CYS A 219 -3.84 -15.28 -6.03
C CYS A 219 -4.87 -15.59 -4.94
N ASN A 220 -4.67 -16.73 -4.29
CA ASN A 220 -5.37 -17.06 -3.06
C ASN A 220 -4.69 -16.32 -1.92
N ASN A 221 -5.41 -16.06 -0.84
CA ASN A 221 -4.81 -15.52 0.39
C ASN A 221 -4.28 -14.10 0.25
N VAL A 222 -4.93 -13.30 -0.59
CA VAL A 222 -4.69 -11.87 -0.60
C VAL A 222 -6.02 -11.16 -0.39
N LEU A 223 -5.95 -9.91 0.06
CA LEU A 223 -7.12 -9.05 0.14
C LEU A 223 -6.97 -7.97 -0.96
N SER A 224 -7.80 -8.08 -2.01
CA SER A 224 -7.76 -7.21 -3.19
C SER A 224 -8.66 -5.98 -3.02
N VAL A 225 -8.12 -4.81 -3.37
CA VAL A 225 -8.76 -3.53 -3.07
C VAL A 225 -9.01 -2.76 -4.36
N GLY A 226 -10.27 -2.39 -4.57
CA GLY A 226 -10.67 -1.53 -5.69
C GLY A 226 -10.68 -0.08 -5.28
N ALA A 227 -10.80 0.83 -6.25
CA ALA A 227 -10.74 2.26 -5.94
C ALA A 227 -12.09 2.95 -6.06
N THR A 228 -12.46 3.72 -5.06
CA THR A 228 -13.64 4.56 -5.16
C THR A 228 -13.26 6.04 -5.15
N THR A 229 -14.22 6.88 -5.52
CA THR A 229 -14.01 8.33 -5.60
C THR A 229 -14.64 8.99 -4.37
N SER A 230 -14.44 10.30 -4.24
CA SER A 230 -15.12 11.11 -3.24
C SER A 230 -16.67 11.05 -3.33
N ARG A 231 -17.20 10.50 -4.43
CA ARG A 231 -18.66 10.35 -4.62
C ARG A 231 -19.18 8.95 -4.27
N GLY A 232 -18.28 8.06 -3.85
CA GLY A 232 -18.65 6.69 -3.45
C GLY A 232 -18.93 5.71 -4.58
N ILE A 233 -18.46 6.05 -5.78
CA ILE A 233 -18.66 5.20 -6.95
C ILE A 233 -17.31 4.67 -7.40
N ARG A 234 -17.31 3.63 -8.24
CA ARG A 234 -16.06 3.05 -8.76
C ARG A 234 -15.28 4.12 -9.55
N ALA A 235 -14.02 4.36 -9.16
CA ALA A 235 -13.13 5.22 -9.95
C ALA A 235 -12.96 4.60 -11.33
N SER A 236 -12.88 5.44 -12.36
CA SER A 236 -13.11 4.98 -13.74
C SER A 236 -12.12 3.89 -14.19
N PHE A 237 -10.90 3.95 -13.67
CA PHE A 237 -9.79 3.11 -14.10
C PHE A 237 -9.71 1.79 -13.27
N SER A 238 -10.43 1.73 -12.14
CA SER A 238 -10.29 0.58 -11.23
C SER A 238 -10.71 -0.74 -11.84
N ASN A 239 -9.83 -1.73 -11.77
CA ASN A 239 -10.24 -3.10 -12.06
C ASN A 239 -11.38 -3.52 -11.15
N TYR A 240 -12.09 -4.59 -11.54
CA TYR A 240 -13.34 -4.95 -10.90
C TYR A 240 -13.61 -6.47 -10.87
N GLY A 241 -14.74 -6.84 -10.29
CA GLY A 241 -15.29 -8.20 -10.41
C GLY A 241 -15.32 -8.99 -9.11
N VAL A 242 -15.64 -10.30 -9.22
CA VAL A 242 -15.76 -11.19 -8.05
C VAL A 242 -14.54 -11.28 -7.13
N ASP A 243 -13.32 -11.14 -7.66
CA ASP A 243 -12.11 -11.29 -6.83
C ASP A 243 -11.62 -9.99 -6.14
N VAL A 244 -12.36 -8.89 -6.33
CA VAL A 244 -12.13 -7.66 -5.56
C VAL A 244 -12.87 -7.84 -4.24
N ASP A 245 -12.15 -7.69 -3.14
CA ASP A 245 -12.71 -8.02 -1.84
C ASP A 245 -13.44 -6.86 -1.20
N LEU A 246 -12.93 -5.66 -1.44
CA LEU A 246 -13.55 -4.43 -0.98
C LEU A 246 -12.96 -3.22 -1.73
N ALA A 247 -13.34 -2.02 -1.32
CA ALA A 247 -12.79 -0.83 -1.95
C ALA A 247 -12.35 0.19 -0.91
N ALA A 248 -11.60 1.19 -1.37
CA ALA A 248 -11.18 2.32 -0.55
C ALA A 248 -10.91 3.51 -1.46
N PRO A 249 -10.87 4.73 -0.88
CA PRO A 249 -10.60 5.94 -1.67
C PRO A 249 -9.35 5.84 -2.52
N GLY A 250 -9.49 6.00 -3.84
CA GLY A 250 -8.36 5.90 -4.75
C GLY A 250 -8.33 6.98 -5.80
N GLN A 251 -8.92 8.13 -5.48
CA GLN A 251 -8.88 9.28 -6.38
C GLN A 251 -8.77 10.54 -5.53
N ASP A 252 -7.83 11.43 -5.88
CA ASP A 252 -7.54 12.67 -5.09
C ASP A 252 -7.03 12.32 -3.69
N ILE A 253 -6.02 11.45 -3.67
CA ILE A 253 -5.45 10.99 -2.43
C ILE A 253 -4.18 11.80 -2.23
N LEU A 254 -4.17 12.62 -1.18
CA LEU A 254 -3.00 13.44 -0.84
C LEU A 254 -2.03 12.67 0.05
N SER A 255 -0.76 12.63 -0.35
CA SER A 255 0.28 12.00 0.44
C SER A 255 1.66 12.55 0.09
N THR A 256 2.71 11.95 0.65
CA THR A 256 4.07 12.44 0.63
C THR A 256 4.85 11.97 -0.60
N VAL A 257 5.49 12.89 -1.32
CA VAL A 257 6.31 12.56 -2.50
C VAL A 257 7.53 13.48 -2.49
N ASP A 258 8.25 13.54 -3.61
CA ASP A 258 9.38 14.49 -3.75
C ASP A 258 9.08 15.36 -5.00
N SER A 259 9.57 16.59 -5.04
CA SER A 259 9.39 17.45 -6.21
C SER A 259 10.34 17.10 -7.38
N GLY A 260 11.34 16.25 -7.11
CA GLY A 260 12.32 15.87 -8.13
C GLY A 260 11.68 15.13 -9.29
N THR A 261 12.10 15.44 -10.50
CA THR A 261 11.57 14.75 -11.69
C THR A 261 12.43 13.53 -12.06
N ARG A 262 13.70 13.58 -11.66
CA ARG A 262 14.63 12.46 -11.78
C ARG A 262 14.95 11.94 -10.37
N ARG A 263 15.99 12.49 -9.73
CA ARG A 263 16.40 12.04 -8.40
C ARG A 263 15.80 12.95 -7.32
N PRO A 264 15.79 12.52 -6.05
CA PRO A 264 15.14 13.37 -5.05
C PRO A 264 15.77 14.75 -4.99
N VAL A 265 14.94 15.77 -4.75
CA VAL A 265 15.42 17.16 -4.65
C VAL A 265 14.92 17.85 -3.38
N SER A 266 13.61 17.76 -3.11
CA SER A 266 13.07 18.33 -1.88
C SER A 266 11.71 17.71 -1.58
N ASP A 267 11.38 17.60 -0.29
CA ASP A 267 10.14 16.98 0.14
C ASP A 267 8.92 17.72 -0.42
N ALA A 268 7.90 16.97 -0.83
CA ALA A 268 6.68 17.55 -1.37
C ALA A 268 5.45 16.68 -1.06
N TYR A 269 4.29 17.13 -1.52
CA TYR A 269 3.02 16.44 -1.31
C TYR A 269 2.24 16.47 -2.63
N SER A 270 1.50 15.41 -2.94
CA SER A 270 0.73 15.46 -4.18
C SER A 270 -0.50 14.59 -4.10
N PHE A 271 -1.46 14.90 -4.96
CA PHE A 271 -2.64 14.09 -5.13
C PHE A 271 -2.30 13.06 -6.19
N MET A 272 -2.66 11.80 -5.92
CA MET A 272 -2.56 10.72 -6.88
C MET A 272 -3.89 9.95 -6.92
N ALA A 273 -4.07 9.16 -7.97
CA ALA A 273 -5.22 8.31 -8.17
C ALA A 273 -4.75 6.91 -8.58
N GLY A 274 -5.46 5.88 -8.13
CA GLY A 274 -5.11 4.50 -8.49
C GLY A 274 -5.55 3.55 -7.39
N THR A 275 -5.80 2.29 -7.74
CA THR A 275 -5.99 1.25 -6.73
C THR A 275 -4.76 1.20 -5.80
N SER A 276 -3.62 1.75 -6.29
CA SER A 276 -2.40 1.83 -5.46
C SER A 276 -2.58 2.72 -4.24
N MET A 277 -3.47 3.70 -4.36
CA MET A 277 -3.73 4.69 -3.31
C MET A 277 -4.78 4.15 -2.35
N ALA A 278 -5.69 3.36 -2.90
CA ALA A 278 -6.73 2.72 -2.14
C ALA A 278 -6.17 1.64 -1.20
N THR A 279 -5.24 0.86 -1.73
CA THR A 279 -4.65 -0.28 -1.04
C THR A 279 -4.09 0.08 0.34
N PRO A 280 -3.20 1.11 0.44
CA PRO A 280 -2.66 1.49 1.75
C PRO A 280 -3.68 2.05 2.74
N HIS A 281 -4.85 2.47 2.25
CA HIS A 281 -5.92 2.81 3.16
C HIS A 281 -6.39 1.56 3.90
N VAL A 282 -6.50 0.45 3.16
CA VAL A 282 -6.88 -0.82 3.75
C VAL A 282 -5.74 -1.39 4.63
N SER A 283 -4.50 -1.25 4.18
CA SER A 283 -3.34 -1.63 4.99
C SER A 283 -3.30 -0.80 6.27
N GLY A 284 -3.51 0.51 6.15
CA GLY A 284 -3.59 1.38 7.32
C GLY A 284 -4.70 0.96 8.30
N VAL A 285 -5.90 0.69 7.80
CA VAL A 285 -7.03 0.28 8.65
C VAL A 285 -6.77 -1.11 9.30
N ALA A 286 -6.21 -2.04 8.53
CA ALA A 286 -5.74 -3.32 9.07
C ALA A 286 -4.86 -3.08 10.31
N ALA A 287 -3.95 -2.12 10.24
CA ALA A 287 -3.09 -1.81 11.39
C ALA A 287 -3.87 -1.21 12.57
N LEU A 288 -4.76 -0.25 12.31
CA LEU A 288 -5.69 0.24 13.35
C LEU A 288 -6.45 -0.91 14.05
N VAL A 289 -7.04 -1.80 13.24
CA VAL A 289 -7.75 -2.99 13.74
C VAL A 289 -6.87 -3.86 14.65
N ILE A 290 -5.64 -4.14 14.24
CA ILE A 290 -4.69 -4.92 15.05
C ILE A 290 -4.36 -4.24 16.38
N SER A 291 -4.14 -2.93 16.36
CA SER A 291 -3.87 -2.21 17.62
C SER A 291 -5.07 -2.23 18.55
N ALA A 292 -6.28 -2.28 17.99
CA ALA A 292 -7.48 -2.42 18.82
C ALA A 292 -7.58 -3.86 19.35
N ALA A 293 -7.32 -4.83 18.48
CA ALA A 293 -7.29 -6.24 18.88
C ALA A 293 -6.25 -6.50 19.98
N ASN A 294 -5.05 -5.96 19.84
CA ASN A 294 -4.03 -6.03 20.90
C ASN A 294 -4.53 -5.54 22.28
N SER A 295 -5.31 -4.47 22.29
CA SER A 295 -5.70 -3.83 23.55
C SER A 295 -6.64 -4.71 24.37
N VAL A 296 -7.30 -5.66 23.72
CA VAL A 296 -8.16 -6.64 24.39
C VAL A 296 -7.58 -8.09 24.36
N ASN A 297 -6.26 -8.20 24.29
CA ASN A 297 -5.54 -9.49 24.21
C ASN A 297 -6.05 -10.48 23.17
N LYS A 298 -6.32 -9.98 21.96
CA LYS A 298 -6.90 -10.78 20.89
C LYS A 298 -5.96 -10.84 19.69
N ASN A 299 -5.45 -12.03 19.41
CA ASN A 299 -4.65 -12.26 18.22
C ASN A 299 -5.60 -12.51 17.06
N LEU A 300 -5.27 -12.00 15.87
CA LEU A 300 -6.07 -12.28 14.66
C LEU A 300 -5.22 -12.87 13.56
N THR A 301 -5.69 -13.95 12.95
CA THR A 301 -4.97 -14.56 11.84
C THR A 301 -5.19 -13.68 10.62
N PRO A 302 -4.33 -13.82 9.58
CA PRO A 302 -4.61 -13.08 8.36
C PRO A 302 -6.04 -13.31 7.84
N ALA A 303 -6.54 -14.55 7.91
CA ALA A 303 -7.87 -14.88 7.42
C ALA A 303 -8.96 -14.17 8.23
N GLU A 304 -8.75 -14.05 9.54
CA GLU A 304 -9.68 -13.41 10.45
C GLU A 304 -9.66 -11.90 10.29
N LEU A 305 -8.45 -11.32 10.17
CA LEU A 305 -8.29 -9.90 9.89
C LEU A 305 -8.97 -9.50 8.57
N LYS A 306 -8.77 -10.28 7.51
CA LYS A 306 -9.44 -10.06 6.22
C LYS A 306 -10.97 -10.13 6.34
N ASP A 307 -11.48 -11.07 7.13
CA ASP A 307 -12.92 -11.21 7.30
C ASP A 307 -13.51 -9.99 8.03
N VAL A 308 -12.81 -9.48 9.06
CA VAL A 308 -13.24 -8.29 9.81
C VAL A 308 -13.33 -7.08 8.84
N LEU A 309 -12.30 -6.93 8.02
CA LEU A 309 -12.21 -5.81 7.07
C LEU A 309 -13.30 -5.87 5.99
N VAL A 310 -13.54 -7.07 5.47
CA VAL A 310 -14.53 -7.27 4.40
C VAL A 310 -15.96 -7.21 4.93
N SER A 311 -16.18 -7.68 6.15
CA SER A 311 -17.54 -7.76 6.69
C SER A 311 -18.04 -6.46 7.33
N THR A 312 -17.14 -5.51 7.60
CA THR A 312 -17.48 -4.28 8.30
C THR A 312 -17.44 -3.01 7.43
N THR A 313 -17.50 -3.20 6.12
CA THR A 313 -17.41 -2.08 5.17
C THR A 313 -18.64 -1.17 5.23
N SER A 314 -18.45 0.08 4.82
CA SER A 314 -19.55 1.03 4.70
C SER A 314 -20.15 0.95 3.30
N PRO A 315 -21.42 1.39 3.12
CA PRO A 315 -21.99 1.20 1.78
C PRO A 315 -21.45 2.16 0.70
N PHE A 316 -21.45 1.66 -0.54
CA PHE A 316 -21.21 2.46 -1.74
C PHE A 316 -22.34 3.47 -2.00
N ASN A 317 -22.09 4.45 -2.87
CA ASN A 317 -23.15 5.35 -3.37
C ASN A 317 -24.02 4.64 -4.40
N GLY A 318 -25.16 4.12 -3.92
CA GLY A 318 -26.02 3.26 -4.72
C GLY A 318 -25.33 1.96 -5.06
N ARG A 319 -25.79 1.32 -6.12
CA ARG A 319 -25.02 0.25 -6.70
C ARG A 319 -23.99 0.91 -7.62
N LEU A 320 -23.00 0.11 -8.03
CA LEU A 320 -21.95 0.57 -8.88
C LEU A 320 -22.21 0.03 -10.29
N ASP A 321 -21.33 0.33 -11.23
CA ASP A 321 -21.44 -0.24 -12.57
C ASP A 321 -20.79 -1.62 -12.65
N ARG A 322 -19.87 -1.88 -11.72
CA ARG A 322 -19.14 -3.16 -11.64
C ARG A 322 -18.99 -3.56 -10.18
N ALA A 323 -18.89 -4.85 -9.90
CA ALA A 323 -18.65 -5.32 -8.54
C ALA A 323 -17.29 -4.84 -8.00
N LEU A 324 -17.31 -4.33 -6.77
CA LEU A 324 -16.11 -3.78 -6.14
C LEU A 324 -16.01 -4.21 -4.66
N GLY A 325 -16.30 -5.48 -4.38
CA GLY A 325 -16.30 -6.01 -3.03
C GLY A 325 -17.56 -5.65 -2.27
N SER A 326 -17.47 -5.66 -0.94
CA SER A 326 -18.64 -5.58 -0.06
C SER A 326 -19.05 -4.14 0.28
N GLY A 327 -18.08 -3.23 0.17
CA GLY A 327 -18.27 -1.83 0.49
C GLY A 327 -16.94 -1.11 0.54
N ILE A 328 -16.94 0.07 1.16
CA ILE A 328 -15.71 0.84 1.37
C ILE A 328 -15.19 0.52 2.78
N VAL A 329 -13.87 0.34 2.90
CA VAL A 329 -13.27 -0.02 4.18
C VAL A 329 -13.66 1.03 5.23
N ASP A 330 -13.96 0.56 6.43
CA ASP A 330 -14.53 1.41 7.45
C ASP A 330 -13.83 1.10 8.77
N ALA A 331 -12.91 1.97 9.16
CA ALA A 331 -12.09 1.72 10.35
C ALA A 331 -12.90 1.67 11.64
N GLU A 332 -13.96 2.48 11.71
CA GLU A 332 -14.78 2.58 12.92
C GLU A 332 -15.55 1.30 13.20
N ALA A 333 -16.25 0.82 12.19
CA ALA A 333 -17.03 -0.42 12.23
C ALA A 333 -16.08 -1.64 12.40
N ALA A 334 -14.96 -1.62 11.68
CA ALA A 334 -13.93 -2.65 11.83
C ALA A 334 -13.36 -2.74 13.27
N VAL A 335 -12.98 -1.60 13.84
CA VAL A 335 -12.45 -1.52 15.21
C VAL A 335 -13.53 -1.83 16.25
N ASN A 336 -14.72 -1.24 16.10
CA ASN A 336 -15.82 -1.52 17.03
C ASN A 336 -16.18 -3.01 17.08
N SER A 337 -16.05 -3.66 15.93
CA SER A 337 -16.24 -5.09 15.82
C SER A 337 -15.31 -5.90 16.74
N VAL A 338 -14.01 -5.59 16.71
CA VAL A 338 -13.02 -6.36 17.49
C VAL A 338 -13.02 -6.03 18.99
N LEU A 339 -13.54 -4.86 19.37
CA LEU A 339 -13.62 -4.48 20.78
C LEU A 339 -14.91 -4.96 21.47
N GLY A 340 -15.84 -5.53 20.70
CA GLY A 340 -17.13 -5.98 21.23
C GLY A 340 -18.02 -4.81 21.61
CA CA B . 19.45 0.34 -2.77
CA CA C . 2.76 15.41 9.22
CA CA D . 20.96 -2.27 -5.45
#